data_2AX3
#
_entry.id   2AX3
#
_cell.length_a   121.264
_cell.length_b   121.264
_cell.length_c   153.873
_cell.angle_alpha   90.000
_cell.angle_beta   90.000
_cell.angle_gamma   90.000
#
_symmetry.space_group_name_H-M   'I 4 2 2'
#
loop_
_entity.id
_entity.type
_entity.pdbx_description
1 polymer 'hypothetical protein TM0922'
2 polymer 'unknown peptide'
3 non-polymer GLYCEROL
4 water water
#
loop_
_entity_poly.entity_id
_entity_poly.type
_entity_poly.pdbx_seq_one_letter_code
_entity_poly.pdbx_strand_id
1 'polypeptide(L)'
;(MSE)GSDKIHHHHHH(MSE)KEIDELTIKEYGVDSRIL(MSE)ERAGISVVLA(MSE)EEELGNLSDYRFLVLCGGGNN
GGDGFVVARNLLGVVKDVLVVFLGKKKTPDCEYNYGLYKKFGGKVVEQFEPSILNEFDVVVDAIFGTGLRGEITGEYAEI
INLVNKSGKVVVSVDVPSGIDSNTGKVLRTAVKADLTVTFGVPKIGHILFPGRDLTGKLKVANIGHPVHLINSINRYVIT
RE(MSE)VRSLLPERPRDSHKGTYGKVLIIAGSRLYSGAPVLSG(MSE)GSLKVGTGLVKLAVPFPQNLIATSRFPELIS
VPIDTEKGFFSLQNLQECLELSKDVDVVAIGPGLGNNEHVREFVNEFLKTLEKPAVIDADAINVLDTSVLKERKSPAVLT
PHPGE(MSE)ARLVKKTVGDVKYNYELAEEFAKENDCVLVLKSATTIVTDGEKTLFNITGNTGLSKGGSGDVLTG(MSE)
IAGFIAQGLSPLEASTVSVYLHGFAAELFEQDERGLTASELLRLIPEAIRRLKE
;
A
2 'polypeptide(L)' (UNK)(UNK)W(UNK)FH(UNK)(UNK) B
#
# COMPACT_ATOMS: atom_id res chain seq x y z
N HIS A 11 -7.25 3.97 -17.81
CA HIS A 11 -6.00 3.65 -17.04
C HIS A 11 -5.66 4.73 -15.99
N HIS A 12 -5.96 6.01 -16.26
CA HIS A 12 -5.65 7.08 -15.28
C HIS A 12 -6.56 8.34 -15.34
N LYS A 14 -6.24 11.89 -15.83
CA LYS A 14 -6.27 12.94 -16.85
C LYS A 14 -7.07 12.44 -18.05
N GLU A 15 -6.97 11.14 -18.31
CA GLU A 15 -7.76 10.45 -19.34
C GLU A 15 -9.25 10.37 -18.99
N ILE A 16 -9.53 10.38 -17.70
CA ILE A 16 -10.88 10.20 -17.19
C ILE A 16 -11.53 11.57 -17.25
N ASP A 17 -10.81 12.58 -16.82
CA ASP A 17 -11.26 13.94 -16.95
C ASP A 17 -11.62 14.21 -18.41
N GLU A 18 -10.71 13.85 -19.31
CA GLU A 18 -10.82 14.15 -20.74
C GLU A 18 -12.02 13.48 -21.35
N LEU A 19 -12.23 12.21 -21.01
CA LEU A 19 -13.42 11.49 -21.51
C LEU A 19 -14.68 12.11 -20.95
N THR A 20 -14.66 12.46 -19.67
CA THR A 20 -15.80 13.04 -19.01
C THR A 20 -16.16 14.32 -19.72
N ILE A 21 -15.16 15.11 -20.11
CA ILE A 21 -15.40 16.34 -20.86
C ILE A 21 -15.82 16.11 -22.33
N LYS A 22 -14.95 15.45 -23.10
CA LYS A 22 -15.11 15.30 -24.55
C LYS A 22 -16.21 14.30 -24.90
N GLU A 23 -16.37 13.25 -24.11
CA GLU A 23 -17.30 12.18 -24.52
C GLU A 23 -18.63 12.28 -23.82
N TYR A 24 -18.58 12.61 -22.53
CA TYR A 24 -19.79 12.73 -21.70
C TYR A 24 -20.37 14.12 -21.74
N GLY A 25 -19.51 15.12 -21.89
CA GLY A 25 -20.00 16.45 -22.20
C GLY A 25 -20.08 17.36 -21.04
N VAL A 26 -19.49 16.98 -19.93
CA VAL A 26 -19.37 17.84 -18.77
C VAL A 26 -18.39 18.97 -19.07
N ASP A 27 -18.86 20.20 -19.01
CA ASP A 27 -17.97 21.35 -19.14
C ASP A 27 -16.85 21.26 -18.12
N SER A 28 -15.63 21.44 -18.60
CA SER A 28 -14.46 21.38 -17.78
C SER A 28 -14.53 22.41 -16.63
N ARG A 29 -15.22 23.52 -16.85
CA ARG A 29 -15.37 24.48 -15.76
C ARG A 29 -16.21 23.97 -14.60
N ILE A 30 -17.13 23.04 -14.90
CA ILE A 30 -17.99 22.44 -13.89
C ILE A 30 -17.19 21.48 -13.04
N LEU A 31 -16.46 20.56 -13.67
CA LEU A 31 -15.51 19.74 -12.98
C LEU A 31 -14.60 20.56 -12.10
N GLU A 33 -15.18 23.66 -10.80
CA GLU A 33 -15.96 24.24 -9.73
C GLU A 33 -16.16 23.23 -8.62
N ARG A 34 -16.65 22.08 -8.99
CA ARG A 34 -16.77 20.94 -8.06
C ARG A 34 -15.51 20.59 -7.32
N ALA A 35 -14.36 20.62 -8.01
CA ALA A 35 -13.09 20.30 -7.36
C ALA A 35 -12.82 21.33 -6.30
N GLY A 36 -12.93 22.60 -6.66
CA GLY A 36 -12.65 23.65 -5.71
C GLY A 36 -13.57 23.66 -4.49
N ILE A 37 -14.83 23.43 -4.77
CA ILE A 37 -15.88 23.42 -3.75
C ILE A 37 -15.61 22.31 -2.79
N SER A 38 -15.24 21.17 -3.35
CA SER A 38 -14.92 20.00 -2.58
C SER A 38 -13.76 20.29 -1.63
N VAL A 39 -12.79 21.10 -2.07
CA VAL A 39 -11.65 21.47 -1.18
C VAL A 39 -12.18 22.28 0.03
N VAL A 40 -13.15 23.17 -0.19
CA VAL A 40 -13.70 24.00 0.88
C VAL A 40 -14.45 23.15 1.90
N LEU A 41 -15.29 22.25 1.41
CA LEU A 41 -16.05 21.41 2.29
C LEU A 41 -15.14 20.48 3.07
N ALA A 42 -14.05 20.01 2.45
CA ALA A 42 -13.10 19.17 3.14
C ALA A 42 -12.36 19.98 4.27
N GLU A 44 -13.55 22.58 5.75
CA GLU A 44 -14.56 22.87 6.75
C GLU A 44 -14.72 21.69 7.70
N GLU A 45 -14.73 20.49 7.16
CA GLU A 45 -14.88 19.31 8.00
C GLU A 45 -13.61 18.96 8.80
N GLU A 46 -12.43 19.40 8.35
CA GLU A 46 -11.20 19.26 9.15
C GLU A 46 -10.97 20.40 10.13
N LEU A 47 -11.36 21.63 9.77
CA LEU A 47 -11.10 22.78 10.63
C LEU A 47 -12.32 23.29 11.39
N GLY A 48 -13.49 22.73 11.11
CA GLY A 48 -14.72 23.31 11.60
C GLY A 48 -15.02 24.59 10.87
N ASN A 49 -15.83 25.43 11.49
CA ASN A 49 -16.26 26.67 10.90
C ASN A 49 -15.06 27.53 10.45
N LEU A 50 -15.02 27.85 9.16
CA LEU A 50 -13.88 28.51 8.56
C LEU A 50 -13.91 30.05 8.67
N SER A 51 -14.97 30.61 9.26
CA SER A 51 -15.13 32.08 9.40
C SER A 51 -13.93 32.78 9.97
N ASP A 52 -13.38 32.23 11.04
CA ASP A 52 -12.36 32.97 11.75
C ASP A 52 -10.95 32.78 11.13
N TYR A 53 -10.83 32.03 10.03
CA TYR A 53 -9.51 31.74 9.47
C TYR A 53 -9.12 32.69 8.35
N ARG A 54 -7.82 32.90 8.20
CA ARG A 54 -7.24 33.69 7.12
C ARG A 54 -6.52 32.72 6.18
N PHE A 55 -6.85 32.78 4.88
CA PHE A 55 -6.39 31.79 3.91
C PHE A 55 -5.42 32.43 2.91
N LEU A 56 -4.22 31.83 2.82
CA LEU A 56 -3.27 32.17 1.76
C LEU A 56 -3.35 31.08 0.70
N VAL A 57 -3.87 31.40 -0.46
CA VAL A 57 -3.98 30.42 -1.52
C VAL A 57 -2.83 30.66 -2.53
N LEU A 58 -2.05 29.63 -2.77
CA LEU A 58 -0.93 29.74 -3.69
C LEU A 58 -1.30 28.98 -4.96
N CYS A 59 -1.37 29.69 -6.07
CA CYS A 59 -1.88 29.14 -7.32
C CYS A 59 -0.81 29.17 -8.42
N GLY A 60 -0.69 28.06 -9.14
CA GLY A 60 0.07 28.02 -10.35
C GLY A 60 -0.85 28.39 -11.50
N GLY A 61 -0.30 28.37 -12.70
CA GLY A 61 -1.06 28.68 -13.90
C GLY A 61 -1.77 27.48 -14.50
N GLY A 62 -1.60 26.32 -13.89
CA GLY A 62 -2.24 25.11 -14.41
C GLY A 62 -3.66 24.98 -13.85
N ASN A 63 -4.31 23.87 -14.14
CA ASN A 63 -5.66 23.66 -13.66
C ASN A 63 -5.72 23.41 -12.13
N ASN A 64 -4.60 23.00 -11.56
CA ASN A 64 -4.46 22.96 -10.13
C ASN A 64 -4.62 24.39 -9.60
N GLY A 65 -3.86 25.34 -10.15
CA GLY A 65 -4.04 26.73 -9.76
C GLY A 65 -5.49 27.19 -9.95
N GLY A 66 -6.11 26.74 -11.04
CA GLY A 66 -7.50 27.08 -11.39
C GLY A 66 -8.46 26.65 -10.31
N ASP A 67 -8.32 25.41 -9.87
CA ASP A 67 -8.98 24.89 -8.67
C ASP A 67 -8.74 25.78 -7.44
N GLY A 68 -7.53 26.30 -7.29
CA GLY A 68 -7.22 27.16 -6.18
C GLY A 68 -7.99 28.47 -6.24
N PHE A 69 -8.14 29.01 -7.44
CA PHE A 69 -8.93 30.22 -7.64
C PHE A 69 -10.38 29.98 -7.30
N VAL A 70 -10.87 28.78 -7.59
CA VAL A 70 -12.24 28.40 -7.18
C VAL A 70 -12.37 28.35 -5.67
N VAL A 71 -11.36 27.78 -5.03
CA VAL A 71 -11.37 27.74 -3.59
C VAL A 71 -11.38 29.16 -3.03
N ALA A 72 -10.49 29.99 -3.55
CA ALA A 72 -10.33 31.37 -3.05
C ALA A 72 -11.61 32.15 -3.27
N ARG A 73 -12.20 32.02 -4.44
CA ARG A 73 -13.41 32.72 -4.72
C ARG A 73 -14.47 32.30 -3.76
N ASN A 74 -14.52 31.00 -3.47
CA ASN A 74 -15.58 30.46 -2.63
C ASN A 74 -15.42 30.78 -1.17
N LEU A 75 -14.23 31.19 -0.76
CA LEU A 75 -14.02 31.65 0.59
C LEU A 75 -14.29 33.16 0.74
N LEU A 76 -14.25 33.88 -0.38
CA LEU A 76 -14.49 35.30 -0.40
C LEU A 76 -15.79 35.69 0.31
N GLY A 77 -15.68 36.62 1.25
CA GLY A 77 -16.81 37.14 2.01
C GLY A 77 -17.23 36.30 3.19
N VAL A 78 -16.60 35.14 3.35
CA VAL A 78 -17.09 34.09 4.24
C VAL A 78 -16.07 33.76 5.35
N VAL A 79 -14.84 34.21 5.18
CA VAL A 79 -13.77 33.98 6.14
C VAL A 79 -13.07 35.32 6.41
N LYS A 80 -12.19 35.31 7.40
CA LYS A 80 -11.54 36.55 7.85
C LYS A 80 -10.71 37.18 6.72
N ASP A 81 -9.89 36.40 6.05
CA ASP A 81 -9.13 36.93 4.92
C ASP A 81 -8.83 35.87 3.89
N VAL A 82 -8.74 36.34 2.64
CA VAL A 82 -8.29 35.54 1.52
C VAL A 82 -7.26 36.36 0.71
N LEU A 83 -6.14 35.75 0.40
CA LEU A 83 -5.20 36.29 -0.57
C LEU A 83 -4.70 35.17 -1.47
N VAL A 84 -4.66 35.42 -2.77
CA VAL A 84 -4.04 34.53 -3.74
C VAL A 84 -2.68 35.12 -4.18
N VAL A 85 -1.64 34.30 -4.05
CA VAL A 85 -0.33 34.60 -4.63
C VAL A 85 -0.28 33.73 -5.84
N PHE A 86 -0.29 34.38 -6.99
CA PHE A 86 -0.32 33.68 -8.25
C PHE A 86 1.10 33.56 -8.66
N LEU A 87 1.56 32.33 -8.87
CA LEU A 87 2.99 32.08 -9.07
C LEU A 87 3.30 31.82 -10.51
N GLY A 88 2.38 31.21 -11.24
CA GLY A 88 2.56 31.00 -12.68
C GLY A 88 3.00 32.17 -13.58
N LYS A 89 3.37 31.82 -14.80
CA LYS A 89 3.76 32.79 -15.80
C LYS A 89 2.61 32.98 -16.78
N LYS A 90 1.98 31.88 -17.18
CA LYS A 90 0.77 31.90 -18.02
C LYS A 90 -0.33 31.09 -17.31
N LYS A 91 -1.56 31.20 -17.80
CA LYS A 91 -2.71 30.50 -17.22
C LYS A 91 -3.43 29.64 -18.25
N THR A 92 -3.85 28.42 -17.88
CA THR A 92 -4.73 27.66 -18.77
C THR A 92 -6.07 28.39 -18.91
N PRO A 93 -6.82 28.06 -19.97
CA PRO A 93 -8.16 28.63 -20.12
C PRO A 93 -9.02 28.56 -18.85
N ASP A 94 -9.11 27.39 -18.23
CA ASP A 94 -10.00 27.27 -17.08
C ASP A 94 -9.42 28.01 -15.87
N CYS A 95 -8.09 28.01 -15.71
CA CYS A 95 -7.48 28.80 -14.63
C CYS A 95 -7.70 30.31 -14.90
N GLU A 96 -7.61 30.71 -16.17
CA GLU A 96 -7.89 32.09 -16.57
C GLU A 96 -9.33 32.45 -16.22
N TYR A 97 -10.28 31.61 -16.61
CA TYR A 97 -11.68 31.86 -16.27
C TYR A 97 -11.87 32.04 -14.78
N ASN A 98 -11.28 31.16 -13.98
CA ASN A 98 -11.49 31.23 -12.54
C ASN A 98 -10.71 32.35 -11.83
N TYR A 99 -9.52 32.66 -12.33
CA TYR A 99 -8.81 33.90 -11.97
C TYR A 99 -9.71 35.08 -12.23
N GLY A 100 -10.31 35.10 -13.41
CA GLY A 100 -11.21 36.14 -13.82
C GLY A 100 -12.35 36.33 -12.86
N LEU A 101 -12.99 35.23 -12.49
CA LEU A 101 -14.12 35.28 -11.53
C LEU A 101 -13.69 35.69 -10.14
N TYR A 102 -12.53 35.20 -9.72
CA TYR A 102 -12.01 35.56 -8.39
C TYR A 102 -11.85 37.08 -8.31
N LYS A 103 -11.22 37.66 -9.34
CA LYS A 103 -11.07 39.10 -9.37
C LYS A 103 -12.43 39.77 -9.47
N LYS A 104 -13.34 39.27 -10.29
CA LYS A 104 -14.67 39.90 -10.43
C LYS A 104 -15.39 39.99 -9.08
N PHE A 105 -15.25 38.92 -8.29
CA PHE A 105 -15.80 38.81 -6.94
C PHE A 105 -15.04 39.65 -5.90
N GLY A 106 -14.01 40.37 -6.31
CA GLY A 106 -13.30 41.28 -5.41
C GLY A 106 -12.15 40.63 -4.68
N GLY A 107 -11.61 39.55 -5.23
CA GLY A 107 -10.47 38.89 -4.61
C GLY A 107 -9.15 39.57 -4.91
N LYS A 108 -8.31 39.69 -3.88
CA LYS A 108 -6.98 40.29 -4.02
C LYS A 108 -6.04 39.21 -4.55
N VAL A 109 -5.31 39.54 -5.60
CA VAL A 109 -4.21 38.70 -6.08
C VAL A 109 -2.93 39.50 -6.07
N VAL A 110 -1.85 38.86 -5.66
CA VAL A 110 -0.50 39.42 -5.85
C VAL A 110 0.27 38.36 -6.63
N GLU A 111 1.36 38.77 -7.26
CA GLU A 111 2.21 37.85 -8.01
C GLU A 111 3.57 37.66 -7.36
N GLN A 112 3.86 38.41 -6.30
CA GLN A 112 5.13 38.29 -5.59
C GLN A 112 4.86 37.59 -4.26
N PHE A 113 5.64 36.56 -4.00
CA PHE A 113 5.64 35.88 -2.71
C PHE A 113 6.70 36.55 -1.84
N GLU A 114 6.27 37.42 -0.94
CA GLU A 114 7.17 37.92 0.09
C GLU A 114 7.09 36.94 1.29
N PRO A 115 8.24 36.40 1.77
CA PRO A 115 8.28 35.42 2.88
C PRO A 115 7.43 35.77 4.12
N SER A 116 7.48 37.03 4.53
CA SER A 116 6.73 37.52 5.69
C SER A 116 5.22 37.32 5.55
N ILE A 117 4.74 37.30 4.32
CA ILE A 117 3.32 37.17 4.04
C ILE A 117 2.60 36.06 4.82
N LEU A 118 3.27 34.96 5.11
CA LEU A 118 2.56 33.85 5.70
C LEU A 118 2.28 33.97 7.22
N ASN A 119 2.89 34.92 7.90
N ASN A 119 2.91 34.93 7.90
CA ASN A 119 2.50 35.19 9.28
CA ASN A 119 2.52 35.22 9.28
C ASN A 119 1.19 35.98 9.37
C ASN A 119 1.18 35.96 9.36
N GLU A 120 0.76 36.57 8.25
CA GLU A 120 -0.55 37.23 8.18
C GLU A 120 -1.73 36.24 7.88
N PHE A 121 -1.43 34.92 7.82
CA PHE A 121 -2.42 33.89 7.46
C PHE A 121 -2.38 32.64 8.33
N ASP A 122 -3.51 31.95 8.45
CA ASP A 122 -3.56 30.71 9.24
C ASP A 122 -3.43 29.47 8.39
N VAL A 123 -4.03 29.50 7.21
CA VAL A 123 -4.08 28.33 6.32
C VAL A 123 -3.46 28.67 4.98
N VAL A 124 -2.54 27.81 4.55
CA VAL A 124 -1.98 27.82 3.22
C VAL A 124 -2.66 26.72 2.39
N VAL A 125 -3.31 27.17 1.32
CA VAL A 125 -3.89 26.30 0.34
C VAL A 125 -2.89 26.25 -0.81
N ASP A 126 -2.33 25.06 -0.99
CA ASP A 126 -1.29 24.78 -1.99
C ASP A 126 -1.96 24.27 -3.24
N ALA A 127 -2.18 25.18 -4.19
CA ALA A 127 -2.64 24.82 -5.53
C ALA A 127 -1.60 25.23 -6.55
N ILE A 128 -0.34 24.94 -6.27
CA ILE A 128 0.74 25.37 -7.17
C ILE A 128 0.93 24.41 -8.33
N PHE A 129 1.23 23.16 -8.02
CA PHE A 129 1.42 22.14 -9.05
C PHE A 129 0.52 20.96 -8.77
N GLY A 130 -0.09 20.45 -9.84
CA GLY A 130 -0.96 19.33 -9.69
C GLY A 130 -0.33 17.99 -10.03
N THR A 131 -1.19 17.11 -10.54
CA THR A 131 -0.77 15.81 -10.96
C THR A 131 0.06 15.89 -12.25
N GLY A 132 0.78 14.80 -12.53
CA GLY A 132 1.71 14.80 -13.68
C GLY A 132 2.70 15.98 -13.78
N LEU A 133 3.14 16.51 -12.64
CA LEU A 133 4.35 17.34 -12.60
C LEU A 133 5.49 16.35 -12.78
N ARG A 134 6.34 16.57 -13.77
CA ARG A 134 7.42 15.63 -14.07
C ARG A 134 8.78 16.07 -13.51
N GLY A 135 9.05 17.38 -13.60
CA GLY A 135 10.41 17.90 -13.39
C GLY A 135 10.75 18.29 -11.97
N GLU A 136 12.04 18.19 -11.64
CA GLU A 136 12.56 18.60 -10.33
C GLU A 136 12.31 20.08 -10.08
N ILE A 137 11.74 20.40 -8.93
CA ILE A 137 11.49 21.76 -8.56
C ILE A 137 12.75 22.38 -7.97
N THR A 138 13.25 23.41 -8.64
CA THR A 138 14.32 24.26 -8.14
C THR A 138 13.82 25.70 -8.30
N GLY A 139 14.70 26.66 -7.99
CA GLY A 139 14.41 28.07 -8.17
C GLY A 139 13.52 28.59 -7.07
N GLU A 140 12.76 29.63 -7.38
CA GLU A 140 11.95 30.30 -6.38
C GLU A 140 10.76 29.46 -5.97
N TYR A 141 10.28 28.59 -6.84
CA TYR A 141 9.22 27.65 -6.49
C TYR A 141 9.65 26.82 -5.28
N ALA A 142 10.87 26.31 -5.35
CA ALA A 142 11.45 25.58 -4.23
C ALA A 142 11.52 26.44 -2.97
N GLU A 143 12.13 27.61 -3.10
CA GLU A 143 12.25 28.58 -1.98
C GLU A 143 10.88 28.76 -1.29
N ILE A 144 9.85 29.05 -2.08
CA ILE A 144 8.46 29.20 -1.60
C ILE A 144 7.90 27.99 -0.84
N ILE A 145 8.10 26.80 -1.40
CA ILE A 145 7.65 25.55 -0.81
C ILE A 145 8.38 25.26 0.48
N ASN A 146 9.67 25.57 0.52
CA ASN A 146 10.46 25.39 1.73
C ASN A 146 9.97 26.33 2.84
N LEU A 147 9.71 27.58 2.49
CA LEU A 147 9.15 28.55 3.45
C LEU A 147 7.82 28.10 4.03
N VAL A 148 6.92 27.65 3.17
CA VAL A 148 5.63 27.13 3.59
C VAL A 148 5.78 25.97 4.58
N ASN A 149 6.68 25.04 4.27
CA ASN A 149 7.01 23.92 5.14
C ASN A 149 7.67 24.31 6.48
N LYS A 150 8.34 25.45 6.51
CA LYS A 150 8.93 26.00 7.73
C LYS A 150 7.95 26.89 8.49
N SER A 151 6.79 27.15 7.91
CA SER A 151 5.88 28.19 8.41
C SER A 151 5.07 27.73 9.62
N GLY A 152 4.83 26.43 9.73
CA GLY A 152 4.04 25.89 10.81
C GLY A 152 2.56 26.20 10.69
N LYS A 153 2.14 26.69 9.52
CA LYS A 153 0.73 26.96 9.26
C LYS A 153 0.05 25.68 8.85
N VAL A 154 -1.27 25.67 8.87
CA VAL A 154 -2.04 24.52 8.38
C VAL A 154 -1.97 24.56 6.86
N VAL A 155 -1.59 23.44 6.26
CA VAL A 155 -1.41 23.35 4.81
C VAL A 155 -2.41 22.36 4.24
N VAL A 156 -3.22 22.86 3.32
CA VAL A 156 -4.15 22.04 2.55
C VAL A 156 -3.66 22.02 1.11
N SER A 157 -3.32 20.83 0.59
CA SER A 157 -2.95 20.68 -0.80
C SER A 157 -4.14 20.24 -1.69
N VAL A 158 -4.27 20.94 -2.81
CA VAL A 158 -5.22 20.62 -3.86
C VAL A 158 -4.64 19.52 -4.76
N ASP A 159 -5.36 18.41 -4.85
CA ASP A 159 -5.01 17.24 -5.68
C ASP A 159 -3.85 16.41 -5.13
N VAL A 160 -2.65 16.96 -5.16
CA VAL A 160 -1.47 16.38 -4.53
C VAL A 160 -0.64 17.53 -3.96
N PRO A 161 0.09 17.23 -2.90
CA PRO A 161 1.02 18.22 -2.41
C PRO A 161 1.98 18.55 -3.56
N SER A 162 2.17 19.84 -3.82
CA SER A 162 3.03 20.29 -4.94
C SER A 162 4.44 19.81 -4.76
N GLY A 163 4.97 19.15 -5.79
CA GLY A 163 6.33 18.65 -5.70
C GLY A 163 6.38 17.15 -5.63
N ILE A 164 5.24 16.52 -5.35
CA ILE A 164 5.11 15.08 -5.37
C ILE A 164 4.77 14.61 -6.79
N ASP A 165 5.49 13.63 -7.29
CA ASP A 165 5.13 13.01 -8.56
C ASP A 165 3.91 12.13 -8.32
N SER A 166 2.77 12.51 -8.89
CA SER A 166 1.51 11.82 -8.64
C SER A 166 1.48 10.38 -9.13
N ASN A 167 2.41 10.00 -9.99
CA ASN A 167 2.46 8.64 -10.55
C ASN A 167 3.44 7.74 -9.79
N THR A 168 4.31 8.32 -8.98
CA THR A 168 5.29 7.51 -8.23
C THR A 168 5.35 7.77 -6.70
N GLY A 169 4.88 8.94 -6.25
CA GLY A 169 5.01 9.34 -4.84
C GLY A 169 6.36 9.91 -4.47
N LYS A 170 7.25 10.05 -5.44
CA LYS A 170 8.59 10.56 -5.20
C LYS A 170 8.54 12.04 -5.11
N VAL A 171 9.45 12.60 -4.33
CA VAL A 171 9.55 14.03 -4.20
C VAL A 171 10.42 14.55 -5.32
N LEU A 172 9.94 15.56 -6.04
CA LEU A 172 10.69 16.17 -7.14
C LEU A 172 11.50 17.34 -6.58
N ARG A 173 12.65 16.95 -6.01
CA ARG A 173 13.54 17.78 -5.18
C ARG A 173 12.94 18.35 -3.89
N THR A 174 11.76 18.93 -4.00
CA THR A 174 11.13 19.48 -2.83
C THR A 174 9.63 19.44 -3.05
N ALA A 175 8.91 19.23 -1.95
CA ALA A 175 7.47 19.16 -2.00
C ALA A 175 6.85 19.69 -0.75
N VAL A 176 5.62 20.11 -0.91
CA VAL A 176 4.85 20.60 0.18
C VAL A 176 4.48 19.46 1.08
N LYS A 177 4.61 19.66 2.39
CA LYS A 177 4.03 18.80 3.39
C LYS A 177 2.66 19.28 3.87
N ALA A 178 1.62 18.56 3.50
CA ALA A 178 0.26 18.98 3.70
C ALA A 178 -0.30 18.35 5.01
N ASP A 179 -1.16 19.07 5.69
CA ASP A 179 -1.96 18.46 6.78
C ASP A 179 -3.15 17.74 6.15
N LEU A 180 -3.67 18.31 5.08
CA LEU A 180 -4.80 17.73 4.40
C LEU A 180 -4.59 17.82 2.91
N THR A 181 -4.96 16.76 2.20
CA THR A 181 -4.95 16.80 0.75
C THR A 181 -6.31 16.33 0.26
N VAL A 182 -6.88 17.09 -0.68
CA VAL A 182 -8.14 16.77 -1.25
C VAL A 182 -7.89 16.49 -2.68
N THR A 183 -8.10 15.24 -3.09
CA THR A 183 -7.86 14.88 -4.48
C THR A 183 -9.22 14.55 -5.07
N PHE A 184 -9.28 14.29 -6.35
CA PHE A 184 -10.54 14.08 -7.04
C PHE A 184 -10.64 12.75 -7.75
N GLY A 185 -11.84 12.17 -7.71
CA GLY A 185 -12.10 10.91 -8.40
C GLY A 185 -11.54 9.74 -7.61
N VAL A 186 -10.23 9.57 -7.64
CA VAL A 186 -9.56 8.46 -6.97
C VAL A 186 -8.30 8.92 -6.28
N PRO A 187 -7.84 8.13 -5.28
CA PRO A 187 -6.49 8.41 -4.79
C PRO A 187 -5.49 8.18 -5.92
N LYS A 188 -4.41 8.93 -5.91
CA LYS A 188 -3.36 8.80 -6.90
C LYS A 188 -2.20 7.96 -6.33
N ILE A 189 -1.47 7.31 -7.22
CA ILE A 189 -0.36 6.50 -6.77
C ILE A 189 0.54 7.33 -5.83
N GLY A 190 0.74 8.62 -6.10
CA GLY A 190 1.60 9.45 -5.24
C GLY A 190 1.05 9.78 -3.85
N HIS A 191 -0.24 9.57 -3.62
CA HIS A 191 -0.82 9.67 -2.27
C HIS A 191 -0.59 8.43 -1.47
N ILE A 192 -0.21 7.35 -2.15
CA ILE A 192 -0.30 6.00 -1.61
C ILE A 192 1.05 5.41 -1.34
N LEU A 193 2.01 5.82 -2.16
CA LEU A 193 3.38 5.39 -2.02
C LEU A 193 4.15 6.45 -1.31
N PHE A 194 5.14 6.07 -0.51
CA PHE A 194 6.01 7.04 0.14
C PHE A 194 7.12 7.51 -0.84
N PRO A 195 7.70 8.71 -0.60
CA PRO A 195 7.38 9.68 0.46
C PRO A 195 6.04 10.37 0.30
N GLY A 196 5.51 10.37 -0.92
CA GLY A 196 4.25 11.02 -1.19
C GLY A 196 3.16 10.79 -0.16
N ARG A 197 3.04 9.57 0.34
CA ARG A 197 2.01 9.28 1.31
C ARG A 197 2.14 10.03 2.63
N ASP A 198 3.38 10.31 3.00
CA ASP A 198 3.67 11.06 4.20
C ASP A 198 3.34 12.52 3.97
N LEU A 199 3.72 13.04 2.81
CA LEU A 199 3.52 14.45 2.50
C LEU A 199 2.07 14.87 2.31
N THR A 200 1.24 13.89 1.99
CA THR A 200 -0.19 14.07 1.72
C THR A 200 -1.00 14.44 2.98
N GLY A 201 -0.54 13.95 4.14
CA GLY A 201 -1.26 14.11 5.39
C GLY A 201 -2.57 13.34 5.27
N LYS A 202 -3.63 13.91 5.80
CA LYS A 202 -4.95 13.31 5.71
C LYS A 202 -5.49 13.42 4.26
N LEU A 203 -5.84 12.30 3.65
CA LEU A 203 -6.28 12.36 2.28
C LEU A 203 -7.81 12.26 2.21
N LYS A 204 -8.45 13.21 1.53
CA LYS A 204 -9.86 13.08 1.17
C LYS A 204 -10.02 12.96 -0.33
N VAL A 205 -10.82 12.02 -0.77
CA VAL A 205 -11.03 11.76 -2.18
C VAL A 205 -12.42 12.27 -2.49
N ALA A 206 -12.48 13.36 -3.23
CA ALA A 206 -13.75 13.97 -3.57
C ALA A 206 -14.33 13.43 -4.89
N ASN A 207 -15.64 13.26 -4.90
CA ASN A 207 -16.43 12.99 -6.10
C ASN A 207 -16.76 14.34 -6.73
N ILE A 208 -16.16 14.61 -7.89
CA ILE A 208 -16.35 15.93 -8.55
C ILE A 208 -17.17 15.78 -9.85
N GLY A 209 -17.77 14.61 -10.02
CA GLY A 209 -18.78 14.39 -11.04
C GLY A 209 -18.43 13.44 -12.18
N HIS A 210 -17.25 12.85 -12.20
CA HIS A 210 -16.93 11.82 -13.20
C HIS A 210 -17.91 10.64 -13.20
N PRO A 211 -18.26 10.15 -14.38
CA PRO A 211 -19.11 8.97 -14.42
C PRO A 211 -18.49 7.87 -13.58
N VAL A 212 -19.34 7.22 -12.77
CA VAL A 212 -18.88 6.13 -11.89
C VAL A 212 -18.23 4.97 -12.67
N HIS A 213 -18.67 4.78 -13.91
CA HIS A 213 -18.05 3.81 -14.79
C HIS A 213 -16.57 4.12 -14.95
N LEU A 214 -16.24 5.36 -15.28
CA LEU A 214 -14.88 5.73 -15.50
C LEU A 214 -14.03 5.61 -14.22
N ILE A 215 -14.63 5.91 -13.08
CA ILE A 215 -13.93 5.82 -11.82
C ILE A 215 -13.48 4.39 -11.62
N ASN A 216 -14.34 3.44 -12.00
CA ASN A 216 -14.07 2.00 -11.92
C ASN A 216 -13.30 1.41 -13.09
N SER A 217 -13.01 2.22 -14.11
CA SER A 217 -12.14 1.79 -15.21
C SER A 217 -10.69 1.61 -14.74
N ILE A 218 -10.40 2.03 -13.51
CA ILE A 218 -9.07 2.02 -12.91
C ILE A 218 -8.73 0.60 -12.37
N ASN A 219 -7.55 0.09 -12.73
CA ASN A 219 -7.13 -1.29 -12.42
C ASN A 219 -6.04 -1.39 -11.31
N ARG A 220 -5.92 -0.29 -10.55
CA ARG A 220 -5.11 -0.20 -9.34
C ARG A 220 -5.97 0.37 -8.21
N TYR A 221 -5.82 -0.21 -7.03
CA TYR A 221 -6.77 -0.02 -5.91
C TYR A 221 -6.01 0.01 -4.61
N VAL A 222 -6.50 0.84 -3.70
CA VAL A 222 -6.17 0.70 -2.30
C VAL A 222 -7.03 -0.44 -1.73
N ILE A 223 -6.43 -1.30 -0.93
CA ILE A 223 -7.18 -2.35 -0.27
C ILE A 223 -7.94 -1.74 0.92
N THR A 224 -9.27 -1.89 0.90
CA THR A 224 -10.16 -1.32 1.91
C THR A 224 -10.74 -2.42 2.81
N ARG A 225 -11.22 -1.99 3.95
CA ARG A 225 -11.92 -2.86 4.88
C ARG A 225 -13.02 -3.62 4.14
N GLU A 226 -13.82 -2.91 3.35
CA GLU A 226 -15.00 -3.49 2.71
C GLU A 226 -14.60 -4.55 1.69
N VAL A 228 -11.88 -6.46 1.76
CA VAL A 228 -11.43 -7.59 2.56
C VAL A 228 -12.57 -8.32 3.24
N ARG A 229 -13.54 -7.57 3.80
CA ARG A 229 -14.73 -8.18 4.42
C ARG A 229 -15.33 -9.11 3.41
N SER A 230 -15.48 -8.62 2.17
CA SER A 230 -16.15 -9.38 1.13
C SER A 230 -15.34 -10.55 0.57
N LEU A 231 -14.03 -10.61 0.81
CA LEU A 231 -13.21 -11.70 0.31
C LEU A 231 -13.02 -12.78 1.35
N LEU A 232 -13.26 -12.44 2.60
CA LEU A 232 -13.10 -13.35 3.70
C LEU A 232 -13.93 -14.63 3.50
N PRO A 233 -13.29 -15.79 3.64
CA PRO A 233 -14.02 -17.01 3.40
C PRO A 233 -15.16 -17.31 4.38
N GLU A 234 -16.05 -18.15 3.91
CA GLU A 234 -17.22 -18.54 4.67
C GLU A 234 -16.88 -19.56 5.75
N ARG A 235 -17.50 -19.38 6.91
CA ARG A 235 -17.42 -20.28 8.05
C ARG A 235 -18.78 -20.94 8.27
N PRO A 236 -19.16 -21.87 7.37
CA PRO A 236 -20.42 -22.57 7.43
C PRO A 236 -20.43 -23.43 8.70
N ARG A 237 -21.53 -23.34 9.44
CA ARG A 237 -21.66 -24.05 10.70
C ARG A 237 -21.37 -25.54 10.57
N ASP A 238 -21.86 -26.19 9.52
CA ASP A 238 -21.61 -27.61 9.36
C ASP A 238 -20.27 -27.85 8.68
N SER A 239 -19.21 -27.64 9.41
CA SER A 239 -17.88 -27.71 8.83
C SER A 239 -17.07 -28.65 9.72
N HIS A 240 -15.94 -29.10 9.17
N HIS A 240 -15.92 -29.05 9.19
CA HIS A 240 -14.97 -29.91 9.90
CA HIS A 240 -14.96 -29.87 9.89
C HIS A 240 -13.62 -29.28 9.59
C HIS A 240 -13.62 -29.20 9.63
N LYS A 241 -12.59 -29.67 10.33
CA LYS A 241 -11.19 -29.30 10.04
C LYS A 241 -10.93 -29.27 8.52
N GLY A 242 -11.33 -30.35 7.83
CA GLY A 242 -11.11 -30.50 6.40
C GLY A 242 -11.62 -29.35 5.56
N THR A 243 -12.76 -28.79 5.94
CA THR A 243 -13.36 -27.64 5.29
C THR A 243 -12.40 -26.43 5.14
N TYR A 244 -11.48 -26.28 6.07
CA TYR A 244 -10.68 -25.10 6.20
C TYR A 244 -9.24 -25.33 5.79
N GLY A 245 -8.99 -26.39 5.05
CA GLY A 245 -7.76 -26.50 4.33
C GLY A 245 -6.63 -27.02 5.16
N LYS A 246 -5.57 -27.41 4.47
CA LYS A 246 -4.41 -27.98 5.10
C LYS A 246 -3.19 -27.23 4.54
N VAL A 247 -2.33 -26.75 5.43
CA VAL A 247 -1.09 -26.07 5.05
C VAL A 247 0.14 -26.87 5.47
N LEU A 248 1.10 -27.01 4.55
CA LEU A 248 2.48 -27.42 4.90
C LEU A 248 3.36 -26.19 4.81
N ILE A 249 4.24 -26.05 5.80
CA ILE A 249 5.19 -24.99 5.90
C ILE A 249 6.57 -25.62 6.07
N ILE A 250 7.45 -25.34 5.12
CA ILE A 250 8.78 -25.90 5.11
C ILE A 250 9.65 -24.71 5.53
N ALA A 251 10.23 -24.81 6.71
CA ALA A 251 10.92 -23.65 7.29
C ALA A 251 11.84 -24.10 8.38
N GLY A 252 12.69 -23.17 8.81
CA GLY A 252 13.54 -23.43 9.94
C GLY A 252 14.86 -24.09 9.53
N SER A 253 15.75 -24.07 10.48
CA SER A 253 17.10 -24.54 10.35
C SER A 253 17.63 -24.45 11.77
N ARG A 254 18.81 -25.02 12.01
CA ARG A 254 19.47 -24.93 13.28
C ARG A 254 19.71 -23.50 13.72
N LEU A 255 19.88 -22.58 12.77
CA LEU A 255 20.16 -21.18 13.03
C LEU A 255 18.91 -20.38 13.25
N TYR A 256 17.88 -20.68 12.45
CA TYR A 256 16.60 -19.98 12.47
C TYR A 256 15.51 -20.92 12.91
N SER A 257 15.47 -21.16 14.22
CA SER A 257 14.49 -22.08 14.80
C SER A 257 13.09 -21.53 15.05
N GLY A 258 12.94 -20.21 15.18
CA GLY A 258 11.63 -19.62 15.54
C GLY A 258 10.75 -19.25 14.36
N ALA A 259 11.34 -19.14 13.18
CA ALA A 259 10.56 -18.80 12.01
C ALA A 259 9.35 -19.72 11.77
N PRO A 260 9.53 -21.05 11.91
CA PRO A 260 8.42 -21.98 11.60
C PRO A 260 7.20 -21.78 12.50
N VAL A 261 7.45 -21.35 13.73
CA VAL A 261 6.44 -21.26 14.73
C VAL A 261 5.52 -20.11 14.33
N LEU A 262 6.12 -19.02 13.91
CA LEU A 262 5.38 -17.81 13.52
C LEU A 262 4.54 -17.99 12.29
N SER A 263 5.12 -18.58 11.25
CA SER A 263 4.38 -18.91 10.04
C SER A 263 3.22 -19.83 10.34
N GLY A 264 3.48 -20.90 11.11
CA GLY A 264 2.47 -21.94 11.39
C GLY A 264 1.30 -21.34 12.16
N GLY A 266 0.56 -18.19 12.21
CA GLY A 266 -0.13 -17.31 11.26
C GLY A 266 -1.25 -17.98 10.46
N SER A 267 -0.99 -19.20 10.00
CA SER A 267 -2.01 -19.99 9.30
C SER A 267 -3.19 -20.31 10.21
N LEU A 268 -2.91 -20.70 11.45
CA LEU A 268 -3.99 -21.08 12.35
C LEU A 268 -4.89 -19.92 12.76
N LYS A 269 -4.28 -18.82 13.14
CA LYS A 269 -5.00 -17.61 13.56
C LYS A 269 -5.95 -17.06 12.48
N VAL A 270 -5.74 -17.42 11.20
CA VAL A 270 -6.66 -16.95 10.13
C VAL A 270 -7.71 -18.00 9.82
N GLY A 271 -7.66 -19.14 10.52
CA GLY A 271 -8.78 -20.08 10.54
C GLY A 271 -8.56 -21.36 9.76
N THR A 272 -7.30 -21.67 9.51
CA THR A 272 -6.95 -22.85 8.75
C THR A 272 -7.15 -24.05 9.63
N GLY A 273 -7.56 -25.16 9.01
CA GLY A 273 -7.99 -26.30 9.74
C GLY A 273 -6.82 -27.08 10.28
N LEU A 274 -5.79 -27.22 9.47
CA LEU A 274 -4.68 -28.08 9.82
C LEU A 274 -3.40 -27.45 9.32
N VAL A 275 -2.45 -27.29 10.23
CA VAL A 275 -1.18 -26.74 9.86
C VAL A 275 -0.07 -27.65 10.33
N LYS A 276 0.79 -27.98 9.37
CA LYS A 276 1.89 -28.86 9.56
C LYS A 276 3.19 -28.14 9.18
N LEU A 277 4.19 -28.24 10.04
CA LEU A 277 5.52 -27.73 9.71
C LEU A 277 6.45 -28.90 9.48
N ALA A 278 7.34 -28.74 8.53
CA ALA A 278 8.50 -29.59 8.42
C ALA A 278 9.73 -28.75 8.78
N VAL A 279 10.38 -29.12 9.88
CA VAL A 279 11.44 -28.34 10.43
C VAL A 279 12.53 -29.32 10.81
N PRO A 280 13.80 -28.95 10.55
CA PRO A 280 14.89 -29.83 11.02
C PRO A 280 14.82 -30.11 12.55
N PHE A 281 14.96 -31.38 12.87
CA PHE A 281 15.02 -31.87 14.24
C PHE A 281 16.33 -31.42 14.84
N PRO A 282 16.34 -31.02 16.13
CA PRO A 282 15.28 -30.93 17.11
C PRO A 282 14.58 -29.59 17.14
N GLN A 283 14.93 -28.72 16.20
CA GLN A 283 14.33 -27.38 16.13
C GLN A 283 12.84 -27.45 15.89
N ASN A 284 12.36 -28.56 15.34
CA ASN A 284 10.92 -28.72 15.17
C ASN A 284 10.16 -28.68 16.51
N LEU A 285 10.83 -29.08 17.60
CA LEU A 285 10.19 -29.19 18.91
C LEU A 285 9.88 -27.87 19.55
N ILE A 286 10.59 -26.85 19.09
CA ILE A 286 10.40 -25.48 19.52
C ILE A 286 8.97 -25.02 19.28
N ALA A 287 8.37 -25.48 18.18
CA ALA A 287 7.06 -25.04 17.73
C ALA A 287 5.88 -25.57 18.56
N THR A 288 5.94 -26.84 18.89
CA THR A 288 4.90 -27.44 19.67
C THR A 288 5.09 -27.11 21.16
N SER A 289 6.30 -26.74 21.59
CA SER A 289 6.47 -26.26 22.98
C SER A 289 5.74 -24.93 23.19
N ARG A 290 5.70 -24.11 22.15
CA ARG A 290 5.13 -22.78 22.19
C ARG A 290 3.65 -22.93 21.91
N PHE A 291 3.31 -23.70 20.85
CA PHE A 291 1.95 -23.86 20.39
C PHE A 291 1.64 -25.31 20.04
N PRO A 292 1.17 -26.10 21.01
CA PRO A 292 0.98 -27.52 20.78
C PRO A 292 -0.12 -27.93 19.81
N GLU A 293 -0.96 -26.97 19.41
CA GLU A 293 -1.93 -27.11 18.32
C GLU A 293 -1.25 -27.39 16.99
N LEU A 294 -0.01 -26.92 16.84
CA LEU A 294 0.72 -27.14 15.61
C LEU A 294 1.19 -28.60 15.46
N ILE A 295 1.36 -29.03 14.24
CA ILE A 295 2.06 -30.26 13.95
C ILE A 295 3.41 -29.82 13.42
N SER A 296 4.46 -30.26 14.10
CA SER A 296 5.81 -29.92 13.72
C SER A 296 6.60 -31.22 13.54
N VAL A 297 6.81 -31.56 12.27
CA VAL A 297 7.40 -32.82 11.89
C VAL A 297 8.92 -32.69 11.90
N PRO A 298 9.61 -33.63 12.57
CA PRO A 298 11.07 -33.62 12.57
C PRO A 298 11.62 -34.05 11.23
N ILE A 299 12.51 -33.24 10.68
CA ILE A 299 13.20 -33.56 9.45
C ILE A 299 14.65 -33.87 9.82
N ASP A 300 15.08 -35.08 9.50
CA ASP A 300 16.43 -35.45 9.80
CA ASP A 300 16.45 -35.53 9.73
C ASP A 300 17.32 -34.86 8.70
N THR A 301 18.23 -34.00 9.12
CA THR A 301 19.17 -33.34 8.23
C THR A 301 20.60 -33.63 8.66
N GLU A 302 21.52 -33.54 7.69
CA GLU A 302 22.95 -33.79 7.91
C GLU A 302 23.54 -32.77 8.88
N LYS A 303 23.26 -31.49 8.62
CA LYS A 303 23.94 -30.36 9.28
C LYS A 303 23.00 -29.21 9.73
N GLY A 304 21.71 -29.49 9.91
CA GLY A 304 20.77 -28.46 10.41
C GLY A 304 20.01 -27.71 9.35
N PHE A 305 20.16 -28.10 8.09
CA PHE A 305 19.48 -27.39 7.00
C PHE A 305 18.88 -28.38 6.07
N PHE A 306 17.78 -27.96 5.46
CA PHE A 306 17.20 -28.76 4.39
C PHE A 306 18.19 -28.92 3.23
N SER A 307 18.07 -30.05 2.51
CA SER A 307 18.95 -30.34 1.37
C SER A 307 18.18 -31.29 0.45
N LEU A 308 18.80 -31.82 -0.60
CA LEU A 308 18.07 -32.73 -1.50
C LEU A 308 17.74 -34.05 -0.80
N GLN A 309 18.52 -34.37 0.23
CA GLN A 309 18.24 -35.53 1.07
C GLN A 309 16.77 -35.45 1.59
N ASN A 310 16.16 -34.25 1.67
CA ASN A 310 14.83 -34.09 2.23
C ASN A 310 13.72 -33.88 1.22
N LEU A 311 14.10 -33.85 -0.04
CA LEU A 311 13.17 -33.59 -1.13
C LEU A 311 11.99 -34.55 -1.07
N GLN A 312 12.31 -35.84 -1.01
CA GLN A 312 11.32 -36.87 -1.09
C GLN A 312 10.33 -36.81 0.06
N GLU A 313 10.85 -36.64 1.28
CA GLU A 313 10.00 -36.52 2.46
C GLU A 313 9.05 -35.31 2.35
N CYS A 314 9.55 -34.17 1.87
CA CYS A 314 8.72 -32.96 1.76
C CYS A 314 7.68 -33.07 0.67
N LEU A 315 8.04 -33.71 -0.44
CA LEU A 315 7.06 -34.00 -1.45
C LEU A 315 5.95 -34.88 -0.96
N GLU A 316 6.27 -35.89 -0.12
CA GLU A 316 5.25 -36.80 0.46
C GLU A 316 4.30 -36.06 1.39
N LEU A 317 4.88 -35.24 2.26
CA LEU A 317 4.15 -34.33 3.12
C LEU A 317 3.28 -33.36 2.32
N SER A 318 3.74 -32.95 1.16
CA SER A 318 2.96 -32.06 0.30
CA SER A 318 2.95 -32.05 0.30
C SER A 318 1.73 -32.73 -0.30
N LYS A 319 1.76 -34.05 -0.45
CA LYS A 319 0.65 -34.75 -1.10
C LYS A 319 -0.70 -34.51 -0.40
N ASP A 320 -0.70 -34.40 0.93
CA ASP A 320 -1.93 -34.40 1.68
C ASP A 320 -2.18 -33.03 2.29
N VAL A 321 -1.84 -31.97 1.56
CA VAL A 321 -2.11 -30.58 1.96
C VAL A 321 -2.52 -29.79 0.75
N ASP A 322 -3.07 -28.60 0.98
CA ASP A 322 -3.54 -27.72 -0.11
C ASP A 322 -2.52 -26.69 -0.61
N VAL A 323 -1.64 -26.25 0.29
CA VAL A 323 -0.71 -25.18 0.03
C VAL A 323 0.52 -25.51 0.78
N VAL A 324 1.65 -25.15 0.17
CA VAL A 324 2.91 -25.25 0.83
C VAL A 324 3.52 -23.86 0.92
N ALA A 325 3.91 -23.46 2.13
CA ALA A 325 4.72 -22.27 2.32
C ALA A 325 6.13 -22.70 2.57
N ILE A 326 7.08 -22.03 1.95
CA ILE A 326 8.50 -22.41 2.08
C ILE A 326 9.39 -21.15 2.20
N GLY A 327 10.47 -21.22 2.98
CA GLY A 327 11.47 -20.16 3.01
C GLY A 327 11.82 -19.54 4.34
N PRO A 328 10.81 -19.27 5.17
CA PRO A 328 11.16 -18.67 6.47
C PRO A 328 12.20 -19.48 7.27
N GLY A 329 13.33 -18.84 7.59
CA GLY A 329 14.38 -19.42 8.41
C GLY A 329 15.10 -20.63 7.85
N LEU A 330 15.12 -20.82 6.54
CA LEU A 330 15.75 -22.01 5.97
C LEU A 330 17.26 -21.87 5.91
N GLY A 331 17.73 -20.64 5.84
CA GLY A 331 19.12 -20.37 5.56
C GLY A 331 19.38 -20.27 4.07
N ASN A 332 20.56 -19.78 3.74
CA ASN A 332 20.96 -19.61 2.39
C ASN A 332 22.30 -20.31 2.24
N ASN A 333 22.28 -21.58 1.86
CA ASN A 333 23.46 -22.26 1.34
C ASN A 333 23.05 -23.02 0.09
N GLU A 334 24.05 -23.57 -0.59
CA GLU A 334 23.85 -24.28 -1.85
C GLU A 334 22.92 -25.47 -1.68
N HIS A 335 23.00 -26.17 -0.56
CA HIS A 335 22.11 -27.32 -0.32
C HIS A 335 20.67 -26.89 -0.17
N VAL A 336 20.45 -25.77 0.53
CA VAL A 336 19.12 -25.17 0.59
C VAL A 336 18.65 -24.75 -0.80
N ARG A 337 19.54 -24.10 -1.57
CA ARG A 337 19.22 -23.68 -2.92
C ARG A 337 18.73 -24.83 -3.77
N GLU A 338 19.48 -25.93 -3.80
CA GLU A 338 19.15 -27.14 -4.57
C GLU A 338 17.80 -27.70 -4.22
N PHE A 339 17.60 -27.81 -2.92
CA PHE A 339 16.37 -28.28 -2.35
C PHE A 339 15.17 -27.42 -2.68
N VAL A 340 15.28 -26.13 -2.48
CA VAL A 340 14.14 -25.22 -2.73
C VAL A 340 13.73 -25.30 -4.21
N ASN A 341 14.71 -25.28 -5.10
CA ASN A 341 14.38 -25.21 -6.51
C ASN A 341 13.85 -26.55 -7.05
N GLU A 342 14.47 -27.68 -6.66
CA GLU A 342 13.93 -28.99 -7.07
C GLU A 342 12.54 -29.22 -6.48
N PHE A 343 12.39 -28.85 -5.23
CA PHE A 343 11.10 -28.95 -4.59
C PHE A 343 10.04 -28.16 -5.37
N LEU A 344 10.28 -26.89 -5.63
CA LEU A 344 9.28 -26.05 -6.29
C LEU A 344 9.03 -26.46 -7.76
N LYS A 345 10.09 -26.88 -8.43
CA LYS A 345 9.98 -27.44 -9.77
C LYS A 345 8.99 -28.64 -9.81
N THR A 346 8.98 -29.41 -8.74
CA THR A 346 8.27 -30.69 -8.69
C THR A 346 6.93 -30.57 -7.98
N LEU A 347 6.80 -29.55 -7.12
CA LEU A 347 5.60 -29.43 -6.31
C LEU A 347 4.38 -28.99 -7.13
N GLU A 348 3.37 -29.83 -7.17
CA GLU A 348 2.13 -29.52 -7.89
C GLU A 348 1.03 -29.09 -6.95
N LYS A 349 1.36 -28.04 -6.21
CA LYS A 349 0.50 -27.43 -5.19
C LYS A 349 0.83 -25.93 -5.23
N PRO A 350 -0.14 -25.07 -4.87
CA PRO A 350 0.22 -23.66 -4.68
C PRO A 350 1.35 -23.49 -3.65
N ALA A 351 2.25 -22.56 -3.92
CA ALA A 351 3.39 -22.32 -3.10
C ALA A 351 3.39 -20.87 -2.70
N VAL A 352 3.69 -20.62 -1.44
CA VAL A 352 3.95 -19.31 -0.94
C VAL A 352 5.43 -19.30 -0.62
N ILE A 353 6.16 -18.46 -1.34
CA ILE A 353 7.61 -18.49 -1.36
C ILE A 353 8.11 -17.21 -0.68
N ASP A 354 8.82 -17.40 0.44
CA ASP A 354 9.21 -16.30 1.33
C ASP A 354 10.74 -16.29 1.61
N ALA A 355 11.23 -15.14 2.03
CA ALA A 355 12.50 -15.04 2.71
C ALA A 355 13.63 -15.81 2.04
N ASP A 356 14.23 -16.75 2.74
CA ASP A 356 15.36 -17.49 2.18
C ASP A 356 15.07 -18.31 0.96
N ALA A 357 13.84 -18.76 0.81
CA ALA A 357 13.41 -19.45 -0.42
C ALA A 357 13.47 -18.50 -1.61
N ILE A 358 13.07 -17.25 -1.45
CA ILE A 358 13.24 -16.25 -2.51
C ILE A 358 14.70 -15.98 -2.82
N ASN A 359 15.52 -15.84 -1.79
CA ASN A 359 16.96 -15.61 -1.91
C ASN A 359 17.74 -16.65 -2.68
N VAL A 360 17.22 -17.88 -2.75
CA VAL A 360 17.88 -18.96 -3.52
C VAL A 360 17.07 -19.34 -4.74
N LEU A 361 15.96 -18.63 -4.94
CA LEU A 361 15.04 -19.00 -5.98
C LEU A 361 15.67 -18.77 -7.34
N ASP A 362 15.48 -19.76 -8.21
CA ASP A 362 15.77 -19.67 -9.63
C ASP A 362 14.42 -19.33 -10.25
N THR A 363 14.33 -18.20 -10.90
CA THR A 363 13.04 -17.73 -11.42
C THR A 363 12.53 -18.55 -12.61
N SER A 364 13.43 -19.26 -13.27
CA SER A 364 13.10 -20.17 -14.38
C SER A 364 12.13 -21.21 -13.90
N VAL A 365 12.42 -21.71 -12.72
CA VAL A 365 11.63 -22.69 -12.00
C VAL A 365 10.20 -22.22 -11.79
N LEU A 366 10.09 -20.94 -11.50
CA LEU A 366 8.83 -20.27 -11.25
C LEU A 366 7.98 -20.14 -12.51
N LYS A 367 8.60 -19.79 -13.63
CA LYS A 367 7.90 -19.73 -14.92
C LYS A 367 7.41 -21.11 -15.31
N GLU A 368 8.24 -22.12 -15.10
CA GLU A 368 7.94 -23.51 -15.52
C GLU A 368 6.90 -24.21 -14.66
N ARG A 369 6.43 -23.59 -13.59
CA ARG A 369 5.48 -24.26 -12.69
C ARG A 369 4.10 -24.13 -13.25
N LYS A 370 3.37 -25.26 -13.25
CA LYS A 370 1.94 -25.26 -13.61
C LYS A 370 1.12 -24.68 -12.47
N SER A 371 1.53 -24.97 -11.23
CA SER A 371 0.78 -24.56 -10.06
C SER A 371 1.09 -23.11 -9.69
N PRO A 372 0.14 -22.43 -9.01
CA PRO A 372 0.34 -21.04 -8.61
C PRO A 372 1.44 -20.77 -7.59
N ALA A 373 1.88 -19.52 -7.54
CA ALA A 373 2.78 -19.07 -6.50
C ALA A 373 2.51 -17.64 -6.08
N VAL A 374 2.84 -17.39 -4.81
CA VAL A 374 2.88 -16.06 -4.23
C VAL A 374 4.31 -15.88 -3.72
N LEU A 375 4.97 -14.78 -4.09
CA LEU A 375 6.29 -14.46 -3.57
C LEU A 375 6.09 -13.25 -2.68
N THR A 376 6.68 -13.29 -1.49
CA THR A 376 6.53 -12.20 -0.53
C THR A 376 7.86 -11.52 -0.19
N PRO A 377 8.52 -10.92 -1.19
CA PRO A 377 9.79 -10.24 -0.90
C PRO A 377 9.66 -8.88 -0.22
N HIS A 378 10.57 -8.59 0.69
CA HIS A 378 10.84 -7.23 1.07
C HIS A 378 11.77 -6.69 -0.07
N PRO A 379 11.91 -5.37 -0.18
CA PRO A 379 12.68 -4.84 -1.31
C PRO A 379 14.13 -5.28 -1.46
N GLY A 380 14.87 -5.55 -0.39
CA GLY A 380 16.21 -6.14 -0.55
C GLY A 380 16.15 -7.53 -1.17
N GLU A 381 15.15 -8.34 -0.80
CA GLU A 381 14.98 -9.65 -1.44
C GLU A 381 14.59 -9.55 -2.91
N ALA A 383 15.27 -6.89 -4.88
CA ALA A 383 16.48 -6.42 -5.49
C ALA A 383 17.42 -7.57 -5.86
N ARG A 384 17.72 -8.46 -4.93
CA ARG A 384 18.56 -9.62 -5.27
C ARG A 384 17.87 -10.54 -6.28
N LEU A 385 16.56 -10.68 -6.18
CA LEU A 385 15.84 -11.59 -7.05
C LEU A 385 15.91 -11.14 -8.53
N VAL A 386 15.75 -9.84 -8.77
CA VAL A 386 15.79 -9.33 -10.14
C VAL A 386 17.12 -8.65 -10.48
N LYS A 387 18.07 -8.72 -9.55
CA LYS A 387 19.41 -8.16 -9.73
C LYS A 387 19.32 -6.68 -10.06
N LYS A 388 18.55 -5.96 -9.25
CA LYS A 388 18.45 -4.51 -9.29
C LYS A 388 18.80 -3.92 -7.94
N THR A 389 18.89 -2.60 -7.87
CA THR A 389 19.19 -1.95 -6.65
C THR A 389 17.88 -1.87 -5.89
N VAL A 390 17.96 -1.78 -4.58
CA VAL A 390 16.75 -1.58 -3.78
C VAL A 390 16.01 -0.34 -4.24
N GLY A 391 16.73 0.72 -4.58
CA GLY A 391 16.12 1.97 -5.00
C GLY A 391 15.36 1.84 -6.31
N ASP A 392 15.83 0.99 -7.20
CA ASP A 392 15.12 0.62 -8.42
C ASP A 392 13.82 -0.09 -8.11
N VAL A 393 13.84 -1.03 -7.16
CA VAL A 393 12.69 -1.89 -6.96
C VAL A 393 11.70 -1.30 -5.93
N LYS A 394 12.19 -0.55 -4.95
CA LYS A 394 11.30 -0.05 -3.90
C LYS A 394 10.15 0.76 -4.48
N TYR A 395 8.95 0.41 -4.10
CA TYR A 395 7.72 1.04 -4.61
C TYR A 395 7.57 1.04 -6.14
N ASN A 396 8.33 0.19 -6.81
CA ASN A 396 8.28 0.14 -8.25
C ASN A 396 7.15 -0.81 -8.69
N TYR A 397 5.90 -0.30 -8.70
CA TYR A 397 4.74 -1.13 -8.99
C TYR A 397 4.77 -1.67 -10.41
N GLU A 398 5.29 -0.88 -11.35
CA GLU A 398 5.37 -1.38 -12.72
C GLU A 398 6.33 -2.54 -12.82
N LEU A 399 7.43 -2.51 -12.06
CA LEU A 399 8.38 -3.62 -12.13
C LEU A 399 7.71 -4.87 -11.54
N ALA A 400 7.02 -4.70 -10.42
CA ALA A 400 6.38 -5.82 -9.77
C ALA A 400 5.29 -6.46 -10.66
N GLU A 401 4.50 -5.64 -11.32
CA GLU A 401 3.54 -6.13 -12.31
C GLU A 401 4.14 -6.97 -13.41
N GLU A 402 5.21 -6.44 -13.98
CA GLU A 402 5.87 -7.11 -15.07
C GLU A 402 6.52 -8.40 -14.53
N PHE A 403 7.07 -8.36 -13.32
CA PHE A 403 7.63 -9.58 -12.75
C PHE A 403 6.54 -10.65 -12.57
N ALA A 404 5.38 -10.25 -12.03
CA ALA A 404 4.29 -11.18 -11.80
C ALA A 404 3.74 -11.72 -13.12
N LYS A 405 3.62 -10.85 -14.09
CA LYS A 405 3.07 -11.22 -15.39
C LYS A 405 4.02 -12.24 -16.04
N GLU A 406 5.31 -11.93 -16.07
CA GLU A 406 6.36 -12.79 -16.64
C GLU A 406 6.42 -14.18 -15.96
N ASN A 407 6.31 -14.21 -14.65
CA ASN A 407 6.54 -15.44 -13.88
C ASN A 407 5.26 -16.16 -13.44
N ASP A 408 4.11 -15.69 -13.90
CA ASP A 408 2.78 -16.23 -13.55
C ASP A 408 2.60 -16.42 -12.04
N CYS A 409 2.97 -15.40 -11.28
CA CYS A 409 2.86 -15.46 -9.84
C CYS A 409 2.13 -14.24 -9.31
N VAL A 410 1.90 -14.22 -8.01
CA VAL A 410 1.39 -13.05 -7.33
C VAL A 410 2.60 -12.55 -6.58
N LEU A 411 2.88 -11.26 -6.72
CA LEU A 411 4.00 -10.65 -6.08
C LEU A 411 3.45 -9.74 -5.00
N VAL A 412 3.90 -9.99 -3.78
CA VAL A 412 3.57 -9.15 -2.65
C VAL A 412 4.87 -8.48 -2.27
N LEU A 413 5.06 -7.25 -2.71
CA LEU A 413 6.30 -6.54 -2.47
C LEU A 413 6.07 -5.72 -1.23
N LYS A 414 6.70 -6.15 -0.14
CA LYS A 414 6.43 -5.54 1.17
C LYS A 414 7.13 -4.22 1.40
N SER A 415 6.42 -3.29 2.05
CA SER A 415 6.98 -2.03 2.50
C SER A 415 5.88 -1.35 3.30
N ALA A 416 6.08 -0.12 3.73
CA ALA A 416 5.02 0.53 4.55
C ALA A 416 3.73 0.57 3.74
N THR A 417 3.88 0.83 2.44
CA THR A 417 2.82 0.48 1.51
C THR A 417 3.24 -0.77 0.76
N THR A 418 2.41 -1.79 0.86
CA THR A 418 2.72 -3.07 0.24
C THR A 418 1.98 -3.16 -1.10
N ILE A 419 2.70 -3.62 -2.11
CA ILE A 419 2.15 -3.81 -3.44
C ILE A 419 1.86 -5.31 -3.66
N VAL A 420 0.60 -5.60 -3.98
CA VAL A 420 0.12 -6.94 -4.30
C VAL A 420 -0.34 -6.90 -5.73
N THR A 421 0.22 -7.75 -6.57
CA THR A 421 -0.13 -7.71 -7.99
C THR A 421 -0.02 -9.08 -8.61
N ASP A 422 -0.85 -9.37 -9.61
CA ASP A 422 -0.69 -10.57 -10.38
C ASP A 422 -0.30 -10.21 -11.81
N GLY A 423 0.14 -8.96 -12.01
CA GLY A 423 0.44 -8.46 -13.32
C GLY A 423 -0.72 -7.86 -14.07
N GLU A 424 -1.95 -8.13 -13.62
CA GLU A 424 -3.17 -7.60 -14.24
C GLU A 424 -3.89 -6.65 -13.30
N LYS A 425 -3.98 -7.06 -12.04
CA LYS A 425 -4.59 -6.28 -11.00
C LYS A 425 -3.47 -5.95 -10.01
N THR A 426 -3.45 -4.72 -9.54
CA THR A 426 -2.45 -4.27 -8.63
C THR A 426 -3.17 -3.58 -7.49
N LEU A 427 -2.94 -4.09 -6.27
CA LEU A 427 -3.48 -3.49 -5.06
C LEU A 427 -2.40 -2.93 -4.13
N PHE A 428 -2.78 -1.90 -3.41
CA PHE A 428 -1.90 -1.27 -2.46
C PHE A 428 -2.46 -1.39 -1.07
N ASN A 429 -1.63 -1.96 -0.21
CA ASN A 429 -2.00 -2.00 1.19
C ASN A 429 -1.40 -0.85 1.97
N ILE A 430 -2.24 -0.16 2.72
CA ILE A 430 -1.78 0.92 3.58
C ILE A 430 -2.05 0.70 5.08
N THR A 431 -2.52 -0.47 5.50
CA THR A 431 -2.55 -0.77 6.93
C THR A 431 -1.16 -1.12 7.45
N GLY A 432 -0.95 -0.88 8.74
CA GLY A 432 0.27 -1.28 9.39
C GLY A 432 0.91 -0.12 10.11
N ASN A 433 2.07 -0.38 10.72
CA ASN A 433 2.86 0.66 11.36
C ASN A 433 4.29 0.14 11.45
N THR A 434 5.18 0.94 12.00
CA THR A 434 6.60 0.54 12.04
C THR A 434 6.91 -0.66 12.96
N GLY A 435 5.92 -1.14 13.72
CA GLY A 435 6.08 -2.34 14.55
C GLY A 435 6.30 -3.57 13.71
N LEU A 436 5.81 -3.51 12.48
CA LEU A 436 6.05 -4.57 11.53
C LEU A 436 7.48 -4.53 10.97
N SER A 437 8.27 -3.50 11.30
CA SER A 437 9.65 -3.39 10.84
C SER A 437 10.55 -4.07 11.85
N LYS A 438 10.41 -5.38 11.91
CA LYS A 438 11.01 -6.15 12.96
C LYS A 438 10.95 -7.62 12.52
N GLY A 439 12.01 -8.39 12.75
CA GLY A 439 12.00 -9.81 12.37
C GLY A 439 10.81 -10.55 12.92
N GLY A 440 10.31 -11.51 12.17
CA GLY A 440 9.16 -12.33 12.58
C GLY A 440 7.90 -11.90 11.88
N SER A 441 7.77 -10.61 11.62
CA SER A 441 6.57 -10.04 11.01
CA SER A 441 6.56 -10.06 11.04
C SER A 441 6.24 -10.76 9.72
N GLY A 442 7.22 -10.86 8.85
CA GLY A 442 7.05 -11.46 7.52
C GLY A 442 6.72 -12.93 7.61
N ASP A 443 7.29 -13.63 8.59
CA ASP A 443 6.98 -15.03 8.83
C ASP A 443 5.50 -15.25 9.11
N VAL A 444 4.91 -14.33 9.88
CA VAL A 444 3.49 -14.36 10.17
C VAL A 444 2.69 -14.20 8.90
N LEU A 445 3.00 -13.16 8.13
CA LEU A 445 2.25 -12.88 6.89
C LEU A 445 2.27 -14.09 5.96
N THR A 446 3.42 -14.76 5.87
CA THR A 446 3.60 -15.90 4.99
C THR A 446 2.59 -16.98 5.31
N GLY A 447 2.47 -17.32 6.59
CA GLY A 447 1.46 -18.29 7.03
C GLY A 447 0.03 -17.89 6.82
N ILE A 449 -1.15 -15.94 4.42
CA ILE A 449 -1.42 -16.12 3.01
C ILE A 449 -1.73 -17.56 2.68
N ALA A 450 -0.89 -18.49 3.14
CA ALA A 450 -1.04 -19.90 2.89
C ALA A 450 -2.33 -20.41 3.49
N GLY A 451 -2.60 -19.92 4.69
CA GLY A 451 -3.86 -20.13 5.37
C GLY A 451 -5.05 -19.73 4.53
N PHE A 452 -5.00 -18.55 3.94
CA PHE A 452 -6.17 -18.08 3.21
C PHE A 452 -6.29 -18.84 1.88
N ILE A 453 -5.16 -19.22 1.29
CA ILE A 453 -5.19 -20.02 0.09
C ILE A 453 -5.82 -21.38 0.39
N ALA A 454 -5.35 -22.03 1.43
CA ALA A 454 -5.90 -23.29 1.91
C ALA A 454 -7.42 -23.28 2.14
N GLN A 455 -7.96 -22.15 2.59
CA GLN A 455 -9.40 -22.00 2.85
C GLN A 455 -10.13 -21.67 1.54
N GLY A 456 -9.39 -21.50 0.44
CA GLY A 456 -10.02 -21.42 -0.86
C GLY A 456 -9.89 -20.10 -1.57
N LEU A 457 -9.25 -19.10 -0.98
CA LEU A 457 -9.08 -17.85 -1.68
C LEU A 457 -8.03 -18.06 -2.77
N SER A 458 -8.17 -17.37 -3.88
CA SER A 458 -7.10 -17.37 -4.89
C SER A 458 -5.87 -16.78 -4.23
N PRO A 459 -4.69 -17.05 -4.78
CA PRO A 459 -3.43 -16.43 -4.33
C PRO A 459 -3.47 -14.88 -4.18
N LEU A 460 -4.07 -14.22 -5.17
CA LEU A 460 -4.23 -12.79 -5.11
C LEU A 460 -5.21 -12.36 -4.01
N GLU A 461 -6.37 -12.99 -3.97
CA GLU A 461 -7.31 -12.74 -2.87
C GLU A 461 -6.66 -12.97 -1.51
N ALA A 462 -6.05 -14.14 -1.31
CA ALA A 462 -5.35 -14.47 -0.04
C ALA A 462 -4.30 -13.45 0.32
N SER A 463 -3.58 -12.94 -0.68
CA SER A 463 -2.52 -11.94 -0.47
C SER A 463 -3.11 -10.58 -0.08
N THR A 464 -4.18 -10.18 -0.75
CA THR A 464 -4.90 -8.94 -0.43
C THR A 464 -5.41 -8.91 1.01
N VAL A 465 -6.07 -10.01 1.39
CA VAL A 465 -6.72 -10.12 2.68
C VAL A 465 -5.66 -10.12 3.77
N SER A 466 -4.62 -10.92 3.55
CA SER A 466 -3.54 -11.10 4.51
C SER A 466 -2.73 -9.85 4.78
N VAL A 467 -2.28 -9.17 3.74
CA VAL A 467 -1.52 -7.94 3.93
C VAL A 467 -2.34 -6.92 4.72
N TYR A 468 -3.64 -6.86 4.41
CA TYR A 468 -4.54 -5.92 5.05
C TYR A 468 -4.64 -6.22 6.55
N LEU A 469 -4.94 -7.46 6.89
CA LEU A 469 -5.08 -7.87 8.29
C LEU A 469 -3.81 -7.88 9.10
N HIS A 470 -2.73 -8.37 8.52
CA HIS A 470 -1.43 -8.35 9.14
C HIS A 470 -1.16 -6.92 9.64
N GLY A 471 -1.47 -5.94 8.81
CA GLY A 471 -1.21 -4.57 9.14
C GLY A 471 -2.21 -4.00 10.10
N PHE A 472 -3.46 -4.33 9.92
CA PHE A 472 -4.50 -3.88 10.80
C PHE A 472 -4.28 -4.45 12.23
N ALA A 473 -3.90 -5.72 12.29
CA ALA A 473 -3.52 -6.34 13.52
C ALA A 473 -2.37 -5.56 14.21
N ALA A 474 -1.37 -5.10 13.47
CA ALA A 474 -0.31 -4.31 14.09
C ALA A 474 -0.85 -3.01 14.67
N GLU A 475 -1.85 -2.43 14.01
CA GLU A 475 -2.43 -1.20 14.46
C GLU A 475 -3.28 -1.38 15.72
N LEU A 476 -3.74 -2.60 15.97
CA LEU A 476 -4.58 -2.82 17.13
C LEU A 476 -3.74 -3.02 18.39
N PHE A 477 -2.41 -3.11 18.26
CA PHE A 477 -1.56 -3.23 19.43
C PHE A 477 -1.86 -2.05 20.37
N GLU A 478 -1.94 -2.33 21.66
CA GLU A 478 -2.49 -1.40 22.64
C GLU A 478 -1.46 -0.39 23.17
N GLN A 479 -0.19 -0.68 22.97
CA GLN A 479 0.87 0.15 23.52
C GLN A 479 1.70 0.72 22.37
N ASP A 480 2.93 1.18 22.63
CA ASP A 480 3.69 1.78 21.56
C ASP A 480 4.10 0.77 20.49
N GLU A 481 3.87 1.16 19.24
CA GLU A 481 4.03 0.27 18.07
C GLU A 481 5.42 -0.35 18.02
N ARG A 482 6.39 0.36 18.57
CA ARG A 482 7.75 -0.04 18.40
C ARG A 482 8.07 -1.21 19.32
N GLY A 483 7.21 -1.44 20.31
CA GLY A 483 7.26 -2.63 21.16
C GLY A 483 6.56 -3.85 20.60
N LEU A 484 5.89 -3.70 19.45
CA LEU A 484 5.17 -4.80 18.82
C LEU A 484 6.14 -5.85 18.37
N THR A 485 5.81 -7.11 18.63
CA THR A 485 6.60 -8.23 18.16
C THR A 485 5.63 -9.20 17.52
N ALA A 486 6.18 -10.16 16.78
CA ALA A 486 5.38 -11.06 15.99
C ALA A 486 4.41 -11.89 16.80
N SER A 487 4.85 -12.36 17.96
CA SER A 487 4.00 -13.12 18.87
C SER A 487 2.76 -12.34 19.27
N GLU A 488 2.94 -11.06 19.61
CA GLU A 488 1.82 -10.21 19.97
C GLU A 488 0.93 -9.96 18.74
N LEU A 489 1.56 -9.89 17.56
CA LEU A 489 0.84 -9.71 16.30
C LEU A 489 -0.11 -10.87 16.01
N LEU A 490 0.37 -12.08 16.21
CA LEU A 490 -0.44 -13.30 16.17
C LEU A 490 -1.65 -13.23 17.06
N ARG A 491 -1.44 -12.77 18.28
CA ARG A 491 -2.52 -12.60 19.23
C ARG A 491 -3.58 -11.66 18.70
N LEU A 492 -3.17 -10.64 17.97
CA LEU A 492 -4.07 -9.60 17.52
C LEU A 492 -4.79 -9.90 16.23
N ILE A 493 -4.35 -10.91 15.48
CA ILE A 493 -5.01 -11.27 14.23
C ILE A 493 -6.53 -11.53 14.31
N PRO A 494 -7.00 -12.37 15.28
CA PRO A 494 -8.43 -12.60 15.41
C PRO A 494 -9.25 -11.39 15.79
N GLU A 495 -8.66 -10.41 16.46
CA GLU A 495 -9.40 -9.18 16.75
C GLU A 495 -9.49 -8.35 15.45
N ALA A 496 -8.44 -8.37 14.67
CA ALA A 496 -8.47 -7.68 13.40
C ALA A 496 -9.59 -8.27 12.52
N ILE A 497 -9.71 -9.60 12.49
CA ILE A 497 -10.74 -10.25 11.69
C ILE A 497 -12.10 -9.93 12.24
N ARG A 498 -12.24 -9.89 13.55
CA ARG A 498 -13.52 -9.54 14.11
C ARG A 498 -13.90 -8.16 13.67
N ARG A 499 -12.93 -7.24 13.68
CA ARG A 499 -13.16 -5.82 13.47
C ARG A 499 -13.45 -5.48 12.00
N LEU A 500 -12.92 -6.25 11.05
CA LEU A 500 -13.47 -6.29 9.70
C LEU A 500 -15.00 -6.27 9.63
N LYS A 501 -15.62 -7.14 10.43
CA LYS A 501 -17.08 -7.34 10.43
C LYS A 501 -17.74 -6.59 11.59
N UNK B 1 -21.91 9.09 6.04
CA UNK B 1 -22.40 9.78 4.79
C UNK B 1 -21.23 10.00 3.80
N UNK B 2 -21.40 9.52 2.56
CA UNK B 2 -20.29 9.23 1.68
C UNK B 2 -20.42 9.72 0.24
N TRP B 3 -21.40 10.56 -0.06
CA TRP B 3 -21.57 11.00 -1.45
C TRP B 3 -20.38 11.80 -1.95
N UNK B 4 -19.93 12.74 -1.14
CA UNK B 4 -18.86 13.64 -1.56
C UNK B 4 -17.45 13.02 -1.46
N PHE B 5 -17.11 12.43 -0.31
CA PHE B 5 -15.75 11.99 0.02
C PHE B 5 -15.67 10.51 0.29
N HIS B 6 -14.60 9.90 -0.26
CA HIS B 6 -14.05 8.58 0.14
C HIS B 6 -12.78 8.88 1.01
N UNK B 7 -12.41 7.89 1.84
CA UNK B 7 -11.39 7.97 2.94
C UNK B 7 -9.88 8.04 2.59
N UNK B 8 -9.23 6.93 2.27
CA UNK B 8 -7.76 6.89 2.11
C UNK B 8 -7.32 5.99 0.78
#